data_3HRQ
#
_entry.id   3HRQ
#
_cell.length_a   88.793
_cell.length_b   91.247
_cell.length_c   91.233
_cell.angle_alpha   90.000
_cell.angle_beta   90.000
_cell.angle_gamma   90.000
#
_symmetry.space_group_name_H-M   'P 21 21 21'
#
loop_
_entity.id
_entity.type
_entity.pdbx_description
1 polymer 'Aflatoxin biosynthesis polyketide synthase'
2 non-polymer 'PALMITIC ACID'
3 water water
#
_entity_poly.entity_id   1
_entity_poly.type   'polypeptide(L)'
_entity_poly.pdbx_seq_one_letter_code
;MEIKTTTTLHRVVEETTKPLGATLVVETDISRKDVNGLARGHLVDGIPLCTPSFYADIAMQVGQYSMQRLRAGHPGAGAI
DGLVDVSDMVVDKALVPHGKGPQLLRTTLTMEWPPKAAATTRSAKVKFATYFADGKLDTEHASCTVRFTSDAQLKSLRRS
VSEYKTHIRQLHDGHAKGQFMRYNRKTGYKLMSSMARFNPDYMLLDYLVLNEAENEAASGVDFSLGSSEGTFAAHPAHVD
AITQVAGFAMNANDNVDIEKQVYVNHGWDSFQIYQPLDNSKSYQVYTKMGQAKENDLVHGDVVVLDGEQIVAFFRGLTLR
SVPRGALRVVLQTTVKKADRQLGFKTMPSPPPPTTTM
;
_entity_poly.pdbx_strand_id   A,B
#
# COMPACT_ATOMS: atom_id res chain seq x y z
N MET A 1 31.51 22.28 31.99
CA MET A 1 31.56 20.88 32.50
C MET A 1 30.24 20.17 32.24
N GLU A 2 29.15 20.72 32.78
CA GLU A 2 27.82 20.16 32.64
C GLU A 2 27.39 19.84 31.20
N ILE A 3 26.60 18.78 31.05
CA ILE A 3 26.11 18.36 29.74
C ILE A 3 24.94 19.24 29.35
N LYS A 4 24.87 19.63 28.07
CA LYS A 4 23.82 20.49 27.57
C LYS A 4 22.50 19.75 27.42
N THR A 5 21.41 20.35 27.89
CA THR A 5 20.10 19.73 27.76
C THR A 5 19.63 20.07 26.35
N THR A 6 18.84 19.18 25.75
CA THR A 6 18.36 19.38 24.39
C THR A 6 16.92 18.94 24.27
N THR A 7 16.42 18.90 23.03
CA THR A 7 15.05 18.48 22.76
C THR A 7 14.84 17.03 23.20
N THR A 8 15.91 16.24 23.12
CA THR A 8 15.84 14.82 23.48
C THR A 8 16.54 14.43 24.77
N LEU A 9 17.12 15.39 25.48
CA LEU A 9 17.80 15.14 26.75
C LEU A 9 17.38 16.30 27.65
N HIS A 10 16.49 16.02 28.60
CA HIS A 10 15.95 17.07 29.46
C HIS A 10 16.62 17.35 30.80
N ARG A 11 16.99 16.29 31.51
CA ARG A 11 17.58 16.46 32.84
C ARG A 11 18.59 15.41 33.24
N VAL A 12 19.50 15.80 34.13
CA VAL A 12 20.52 14.90 34.65
C VAL A 12 19.98 14.36 35.98
N VAL A 13 19.77 13.04 36.03
CA VAL A 13 19.24 12.41 37.24
C VAL A 13 20.36 12.09 38.22
N GLU A 14 21.43 11.50 37.70
CA GLU A 14 22.58 11.14 38.51
C GLU A 14 23.87 11.22 37.73
N GLU A 15 24.93 11.63 38.40
CA GLU A 15 26.25 11.75 37.78
C GLU A 15 27.30 11.61 38.87
N THR A 16 27.90 10.43 38.95
CA THR A 16 28.90 10.14 39.96
C THR A 16 30.18 9.57 39.37
N THR A 17 31.30 10.24 39.66
CA THR A 17 32.60 9.79 39.19
C THR A 17 33.20 8.91 40.26
N LYS A 18 33.94 7.89 39.84
CA LYS A 18 34.55 6.94 40.77
C LYS A 18 35.99 6.63 40.31
N PRO A 19 36.82 6.07 41.19
CA PRO A 19 38.20 5.74 40.79
C PRO A 19 38.31 4.70 39.67
N LEU A 20 37.38 3.74 39.66
CA LEU A 20 37.40 2.70 38.64
C LEU A 20 36.24 2.81 37.65
N GLY A 21 35.77 4.02 37.41
CA GLY A 21 34.68 4.22 36.47
C GLY A 21 33.70 5.31 36.87
N ALA A 22 32.69 5.53 36.04
CA ALA A 22 31.69 6.55 36.31
C ALA A 22 30.31 6.15 35.81
N THR A 23 29.31 6.91 36.22
CA THR A 23 27.93 6.65 35.83
C THR A 23 27.22 7.97 35.55
N LEU A 24 26.46 8.01 34.46
CA LEU A 24 25.71 9.20 34.10
C LEU A 24 24.29 8.78 33.74
N VAL A 25 23.33 9.32 34.47
CA VAL A 25 21.93 9.01 34.22
C VAL A 25 21.20 10.28 33.83
N VAL A 26 20.57 10.28 32.67
CA VAL A 26 19.83 11.44 32.19
C VAL A 26 18.38 11.06 31.97
N GLU A 27 17.52 12.07 31.87
CA GLU A 27 16.10 11.84 31.72
C GLU A 27 15.46 12.64 30.59
N THR A 28 14.45 12.06 29.97
CA THR A 28 13.73 12.72 28.88
C THR A 28 12.25 12.43 29.01
N ASP A 29 11.45 13.47 29.19
CA ASP A 29 10.00 13.29 29.29
C ASP A 29 9.48 13.32 27.87
N ILE A 30 9.24 12.16 27.29
CA ILE A 30 8.78 12.08 25.91
C ILE A 30 7.37 12.59 25.68
N SER A 31 6.75 13.14 26.74
CA SER A 31 5.41 13.70 26.63
C SER A 31 5.49 15.22 26.42
N ARG A 32 6.64 15.81 26.71
CA ARG A 32 6.81 17.27 26.56
C ARG A 32 6.50 17.66 25.12
N LYS A 33 5.72 18.72 24.95
CA LYS A 33 5.30 19.17 23.63
C LYS A 33 6.38 19.41 22.58
N ASP A 34 7.58 19.76 23.00
CA ASP A 34 8.63 20.00 22.02
C ASP A 34 9.24 18.71 21.49
N VAL A 35 9.01 17.60 22.17
CA VAL A 35 9.58 16.32 21.72
C VAL A 35 8.56 15.19 21.54
N ASN A 36 7.38 15.32 22.11
CA ASN A 36 6.37 14.27 22.00
C ASN A 36 6.09 13.87 20.56
N GLY A 37 5.92 14.88 19.70
CA GLY A 37 5.64 14.59 18.31
C GLY A 37 6.74 13.76 17.68
N LEU A 38 8.00 14.11 18.00
CA LEU A 38 9.16 13.41 17.49
C LEU A 38 9.31 11.98 18.00
N ALA A 39 8.88 11.76 19.24
CA ALA A 39 8.98 10.43 19.84
C ALA A 39 8.02 9.45 19.16
N ARG A 40 7.07 9.99 18.42
CA ARG A 40 6.08 9.17 17.71
C ARG A 40 6.46 9.14 16.23
N GLY A 41 7.51 8.40 15.90
CA GLY A 41 7.99 8.32 14.53
C GLY A 41 7.21 7.44 13.58
N HIS A 42 6.85 6.25 14.04
CA HIS A 42 6.09 5.30 13.24
C HIS A 42 4.74 5.03 13.91
N LEU A 43 3.79 4.57 13.10
CA LEU A 43 2.46 4.24 13.60
C LEU A 43 2.10 2.88 13.03
N VAL A 44 1.93 1.88 13.89
CA VAL A 44 1.57 0.54 13.45
C VAL A 44 0.25 0.15 14.10
N ASP A 45 -0.74 -0.16 13.28
CA ASP A 45 -2.06 -0.53 13.77
C ASP A 45 -2.58 0.51 14.75
N GLY A 46 -2.42 1.78 14.39
CA GLY A 46 -2.89 2.87 15.24
C GLY A 46 -2.07 3.12 16.49
N ILE A 47 -0.99 2.36 16.68
CA ILE A 47 -0.16 2.51 17.87
C ILE A 47 1.13 3.25 17.56
N PRO A 48 1.39 4.38 18.25
CA PRO A 48 2.60 5.17 18.04
C PRO A 48 3.83 4.46 18.60
N LEU A 49 4.94 4.55 17.88
CA LEU A 49 6.16 3.90 18.30
C LEU A 49 7.38 4.80 18.22
N CYS A 50 8.26 4.68 19.21
CA CYS A 50 9.50 5.45 19.24
C CYS A 50 10.51 4.66 18.41
N THR A 51 11.24 5.33 17.53
CA THR A 51 12.22 4.67 16.68
C THR A 51 13.61 4.53 17.30
N PRO A 52 14.38 3.53 16.86
CA PRO A 52 15.74 3.31 17.39
C PRO A 52 16.59 4.58 17.28
N SER A 53 16.34 5.37 16.24
CA SER A 53 17.08 6.61 16.03
C SER A 53 16.91 7.57 17.21
N PHE A 54 15.80 7.44 17.93
CA PHE A 54 15.56 8.31 19.08
C PHE A 54 16.61 8.02 20.14
N TYR A 55 16.83 6.74 20.42
CA TYR A 55 17.83 6.35 21.41
C TYR A 55 19.22 6.73 20.91
N ALA A 56 19.46 6.53 19.62
CA ALA A 56 20.76 6.84 19.03
C ALA A 56 21.15 8.31 19.22
N ASP A 57 20.17 9.20 19.12
CA ASP A 57 20.43 10.63 19.28
C ASP A 57 20.94 10.87 20.71
N ILE A 58 20.22 10.33 21.70
CA ILE A 58 20.60 10.49 23.09
C ILE A 58 21.95 9.84 23.38
N ALA A 59 22.21 8.70 22.73
CA ALA A 59 23.48 7.99 22.93
C ALA A 59 24.64 8.84 22.45
N MET A 60 24.47 9.49 21.29
CA MET A 60 25.50 10.34 20.74
C MET A 60 25.76 11.48 21.72
N GLN A 61 24.69 12.02 22.29
CA GLN A 61 24.81 13.12 23.23
C GLN A 61 25.57 12.76 24.50
N VAL A 62 25.15 11.69 25.18
CA VAL A 62 25.84 11.31 26.41
C VAL A 62 27.23 10.78 26.12
N GLY A 63 27.41 10.25 24.91
CA GLY A 63 28.70 9.72 24.51
C GLY A 63 29.68 10.84 24.20
N GLN A 64 29.26 11.81 23.39
CA GLN A 64 30.11 12.94 23.03
C GLN A 64 30.51 13.70 24.30
N TYR A 65 29.58 13.78 25.25
CA TYR A 65 29.81 14.47 26.51
C TYR A 65 30.87 13.73 27.33
N SER A 66 30.64 12.44 27.55
CA SER A 66 31.55 11.63 28.33
C SER A 66 32.96 11.65 27.73
N MET A 67 33.03 11.49 26.41
CA MET A 67 34.31 11.48 25.70
C MET A 67 35.07 12.79 25.86
N GLN A 68 34.34 13.91 25.82
CA GLN A 68 34.96 15.22 25.93
C GLN A 68 35.39 15.61 27.34
N ARG A 69 34.78 15.02 28.37
CA ARG A 69 35.14 15.39 29.74
C ARG A 69 36.27 14.54 30.34
N LEU A 70 36.61 13.44 29.70
CA LEU A 70 37.68 12.59 30.20
C LEU A 70 39.00 12.98 29.53
N ARG A 71 38.91 13.90 28.58
CA ARG A 71 40.08 14.37 27.86
C ARG A 71 40.28 15.87 28.04
N GLY A 82 37.60 12.10 17.54
CA GLY A 82 36.42 12.67 18.18
C GLY A 82 35.13 12.06 17.66
N LEU A 83 35.26 10.95 16.93
CA LEU A 83 34.10 10.27 16.37
C LEU A 83 33.44 9.35 17.38
N VAL A 84 32.13 9.51 17.55
CA VAL A 84 31.38 8.66 18.46
C VAL A 84 30.60 7.68 17.59
N ASP A 85 30.75 6.39 17.89
CA ASP A 85 30.06 5.35 17.14
C ASP A 85 28.96 4.79 18.06
N VAL A 86 27.72 4.83 17.61
CA VAL A 86 26.62 4.25 18.40
C VAL A 86 26.63 2.81 17.90
N SER A 87 27.33 1.93 18.63
CA SER A 87 27.46 0.55 18.21
C SER A 87 26.64 -0.44 19.01
N ASP A 88 26.57 -1.67 18.51
CA ASP A 88 25.85 -2.74 19.16
C ASP A 88 24.46 -2.32 19.66
N MET A 89 23.71 -1.64 18.80
CA MET A 89 22.37 -1.19 19.15
C MET A 89 21.42 -2.37 19.14
N VAL A 90 20.76 -2.58 20.27
CA VAL A 90 19.80 -3.66 20.42
C VAL A 90 18.48 -3.12 20.97
N VAL A 91 17.40 -3.33 20.21
CA VAL A 91 16.09 -2.88 20.64
C VAL A 91 15.36 -4.12 21.14
N ASP A 92 15.03 -4.14 22.43
CA ASP A 92 14.38 -5.29 23.05
C ASP A 92 12.86 -5.20 23.14
N LYS A 93 12.35 -4.03 23.51
CA LYS A 93 10.91 -3.84 23.65
C LYS A 93 10.46 -2.50 23.11
N ALA A 94 9.32 -2.51 22.43
CA ALA A 94 8.77 -1.29 21.86
C ALA A 94 8.45 -0.26 22.93
N LEU A 95 8.60 1.01 22.56
CA LEU A 95 8.31 2.12 23.45
C LEU A 95 7.16 2.88 22.80
N VAL A 96 6.01 2.88 23.46
CA VAL A 96 4.82 3.55 22.95
C VAL A 96 4.53 4.84 23.70
N PRO A 97 4.78 6.00 23.06
CA PRO A 97 4.54 7.30 23.68
C PRO A 97 3.05 7.56 23.87
N HIS A 98 2.52 7.22 25.04
CA HIS A 98 1.10 7.40 25.31
C HIS A 98 0.64 8.86 25.35
N GLY A 99 1.52 9.76 25.77
CA GLY A 99 1.15 11.16 25.84
C GLY A 99 0.11 11.51 26.89
N LYS A 100 0.03 10.69 27.93
CA LYS A 100 -0.92 10.92 29.02
C LYS A 100 -0.12 11.27 30.26
N GLY A 101 0.33 12.51 30.34
CA GLY A 101 1.13 12.91 31.47
C GLY A 101 2.57 12.53 31.22
N PRO A 102 3.47 12.73 32.19
CA PRO A 102 4.89 12.39 32.05
C PRO A 102 5.20 10.92 31.75
N GLN A 103 6.12 10.71 30.83
CA GLN A 103 6.57 9.36 30.47
C GLN A 103 8.08 9.53 30.38
N LEU A 104 8.74 9.24 31.50
CA LEU A 104 10.18 9.40 31.62
C LEU A 104 11.04 8.27 31.06
N LEU A 105 11.82 8.61 30.03
CA LEU A 105 12.75 7.67 29.41
C LEU A 105 14.08 7.97 30.07
N ARG A 106 14.62 6.99 30.77
CA ARG A 106 15.90 7.16 31.45
C ARG A 106 17.03 6.50 30.67
N THR A 107 18.10 7.26 30.44
CA THR A 107 19.27 6.77 29.72
C THR A 107 20.41 6.66 30.74
N THR A 108 20.97 5.48 30.88
CA THR A 108 22.06 5.26 31.83
C THR A 108 23.36 4.88 31.11
N LEU A 109 24.39 5.69 31.29
CA LEU A 109 25.69 5.43 30.67
C LEU A 109 26.68 5.06 31.77
N THR A 110 27.46 4.02 31.54
CA THR A 110 28.44 3.59 32.51
C THR A 110 29.78 3.32 31.85
N MET A 111 30.86 3.68 32.55
CA MET A 111 32.21 3.49 32.06
C MET A 111 33.08 2.87 33.16
N GLU A 112 34.19 2.26 32.75
CA GLU A 112 35.12 1.65 33.69
C GLU A 112 36.54 1.81 33.14
N TRP A 113 37.52 1.87 34.02
CA TRP A 113 38.91 2.05 33.58
C TRP A 113 39.92 1.81 34.70
N PRO A 114 41.16 1.49 34.33
CA PRO A 114 42.23 1.25 35.29
C PRO A 114 42.56 2.59 35.98
N PRO A 115 43.16 2.52 37.18
CA PRO A 115 43.52 3.73 37.92
C PRO A 115 44.13 4.85 37.06
N LYS A 116 43.66 6.07 37.28
CA LYS A 116 44.13 7.25 36.55
C LYS A 116 44.34 7.04 35.05
N ALA A 117 43.48 6.22 34.44
CA ALA A 117 43.58 5.95 33.00
C ALA A 117 42.27 6.25 32.31
N ALA A 118 41.41 7.01 32.98
CA ALA A 118 40.11 7.38 32.45
C ALA A 118 40.19 8.01 31.07
N ALA A 119 41.25 8.80 30.84
CA ALA A 119 41.44 9.48 29.57
C ALA A 119 41.57 8.55 28.37
N THR A 120 41.88 7.28 28.61
CA THR A 120 42.04 6.35 27.49
C THR A 120 40.81 5.49 27.24
N THR A 121 39.77 5.65 28.05
CA THR A 121 38.55 4.88 27.87
C THR A 121 38.00 5.15 26.47
N ARG A 122 37.67 4.10 25.73
CA ARG A 122 37.16 4.29 24.39
C ARG A 122 35.75 3.73 24.13
N SER A 123 35.05 3.34 25.18
CA SER A 123 33.69 2.84 25.03
C SER A 123 32.93 3.00 26.34
N ALA A 124 31.60 2.96 26.24
CA ALA A 124 30.73 3.10 27.40
C ALA A 124 29.43 2.36 27.10
N LYS A 125 28.87 1.74 28.13
CA LYS A 125 27.62 1.01 27.99
C LYS A 125 26.44 1.95 28.23
N VAL A 126 25.42 1.86 27.38
CA VAL A 126 24.25 2.69 27.51
C VAL A 126 22.98 1.84 27.52
N LYS A 127 22.07 2.17 28.44
CA LYS A 127 20.80 1.45 28.55
C LYS A 127 19.66 2.46 28.52
N PHE A 128 18.55 2.07 27.89
CA PHE A 128 17.38 2.92 27.77
C PHE A 128 16.15 2.23 28.37
N ALA A 129 15.53 2.86 29.36
CA ALA A 129 14.36 2.28 30.00
C ALA A 129 13.45 3.38 30.54
N THR A 130 12.15 3.11 30.58
CA THR A 130 11.19 4.09 31.07
C THR A 130 10.80 3.81 32.53
N TYR A 131 10.52 4.88 33.26
CA TYR A 131 10.13 4.78 34.67
C TYR A 131 8.89 5.64 34.89
N PHE A 132 8.00 5.21 35.79
CA PHE A 132 6.79 5.98 36.04
C PHE A 132 7.14 7.18 36.91
N LEU A 137 10.81 1.42 37.84
CA LEU A 137 11.10 0.84 36.53
C LEU A 137 9.80 0.50 35.83
N ASP A 138 9.71 0.85 34.56
CA ASP A 138 8.51 0.56 33.76
C ASP A 138 8.84 -0.52 32.74
N THR A 139 9.79 -0.24 31.86
CA THR A 139 10.20 -1.20 30.84
C THR A 139 11.59 -0.88 30.30
N GLU A 140 12.40 -1.91 30.11
CA GLU A 140 13.74 -1.75 29.56
C GLU A 140 13.57 -1.91 28.06
N HIS A 141 13.86 -0.86 27.30
CA HIS A 141 13.67 -0.89 25.87
C HIS A 141 14.85 -1.25 24.97
N ALA A 142 15.99 -0.60 25.19
CA ALA A 142 17.14 -0.85 24.35
C ALA A 142 18.47 -0.63 25.05
N SER A 143 19.54 -0.95 24.33
CA SER A 143 20.89 -0.79 24.83
C SER A 143 21.86 -0.66 23.67
N CYS A 144 23.01 -0.06 23.92
CA CYS A 144 24.03 0.09 22.90
C CYS A 144 25.34 0.42 23.59
N THR A 145 26.42 0.34 22.83
CA THR A 145 27.73 0.64 23.35
C THR A 145 28.28 1.79 22.52
N VAL A 146 28.48 2.94 23.15
CA VAL A 146 29.04 4.06 22.42
C VAL A 146 30.54 3.89 22.42
N ARG A 147 31.16 4.13 21.28
CA ARG A 147 32.61 3.97 21.13
C ARG A 147 33.25 5.23 20.56
N PHE A 148 34.42 5.57 21.10
CA PHE A 148 35.18 6.72 20.64
C PHE A 148 36.18 6.06 19.70
N THR A 149 35.75 5.91 18.45
CA THR A 149 36.48 5.23 17.41
C THR A 149 37.52 6.00 16.60
N SER A 150 38.25 5.26 15.78
CA SER A 150 39.29 5.81 14.92
C SER A 150 38.66 6.22 13.59
N ASP A 151 39.44 6.89 12.74
CA ASP A 151 38.92 7.32 11.45
C ASP A 151 39.31 6.35 10.35
N ALA A 152 39.70 5.14 10.74
CA ALA A 152 40.09 4.12 9.77
C ALA A 152 38.94 3.84 8.80
N GLN A 153 37.74 3.62 9.35
CA GLN A 153 36.59 3.35 8.50
C GLN A 153 36.29 4.53 7.60
N LEU A 154 36.30 5.73 8.16
CA LEU A 154 36.03 6.92 7.35
C LEU A 154 36.99 6.98 6.17
N LYS A 155 38.29 6.84 6.42
CA LYS A 155 39.27 6.88 5.34
C LYS A 155 39.00 5.80 4.30
N SER A 156 38.58 4.63 4.75
CA SER A 156 38.28 3.52 3.85
C SER A 156 37.05 3.86 2.99
N LEU A 157 36.02 4.41 3.63
CA LEU A 157 34.80 4.78 2.92
C LEU A 157 35.11 5.83 1.86
N ARG A 158 35.97 6.78 2.20
CA ARG A 158 36.33 7.83 1.27
C ARG A 158 36.98 7.27 0.01
N ARG A 159 37.73 6.19 0.15
CA ARG A 159 38.38 5.58 -1.00
C ARG A 159 37.38 4.79 -1.86
N SER A 160 36.24 4.43 -1.28
CA SER A 160 35.21 3.69 -2.00
C SER A 160 34.10 4.55 -2.57
N VAL A 161 34.22 5.87 -2.40
CA VAL A 161 33.20 6.79 -2.90
C VAL A 161 32.82 6.57 -4.37
N SER A 162 33.81 6.54 -5.25
CA SER A 162 33.54 6.35 -6.67
C SER A 162 32.79 5.03 -6.92
N GLU A 163 33.08 4.03 -6.10
CA GLU A 163 32.44 2.72 -6.23
C GLU A 163 30.95 2.81 -5.85
N TYR A 164 30.65 3.53 -4.77
CA TYR A 164 29.26 3.70 -4.34
C TYR A 164 28.52 4.50 -5.39
N LYS A 165 29.18 5.53 -5.93
CA LYS A 165 28.59 6.38 -6.95
C LYS A 165 28.21 5.55 -8.17
N THR A 166 29.07 4.60 -8.53
CA THR A 166 28.83 3.74 -9.67
C THR A 166 27.62 2.83 -9.42
N HIS A 167 27.50 2.32 -8.20
CA HIS A 167 26.37 1.46 -7.87
C HIS A 167 25.09 2.27 -8.01
N ILE A 168 25.12 3.50 -7.49
CA ILE A 168 23.96 4.38 -7.55
C ILE A 168 23.61 4.70 -9.00
N ARG A 169 24.63 5.03 -9.79
CA ARG A 169 24.44 5.36 -11.19
C ARG A 169 23.85 4.18 -11.96
N GLN A 170 24.33 2.97 -11.67
CA GLN A 170 23.84 1.79 -12.36
C GLN A 170 22.38 1.50 -12.05
N LEU A 171 21.96 1.85 -10.84
CA LEU A 171 20.57 1.64 -10.46
C LEU A 171 19.68 2.59 -11.26
N HIS A 172 20.13 3.83 -11.41
CA HIS A 172 19.37 4.81 -12.18
C HIS A 172 19.34 4.44 -13.65
N ASP A 173 20.44 3.88 -14.15
CA ASP A 173 20.50 3.47 -15.55
C ASP A 173 19.54 2.30 -15.77
N GLY A 174 19.46 1.42 -14.77
CA GLY A 174 18.57 0.28 -14.85
C GLY A 174 17.13 0.76 -14.93
N HIS A 175 16.79 1.74 -14.10
CA HIS A 175 15.45 2.28 -14.11
C HIS A 175 15.15 2.92 -15.47
N ALA A 176 16.13 3.65 -16.00
CA ALA A 176 15.97 4.32 -17.29
C ALA A 176 15.71 3.33 -18.43
N LYS A 177 15.96 2.05 -18.17
CA LYS A 177 15.76 1.01 -19.17
C LYS A 177 14.55 0.14 -18.80
N GLY A 178 13.84 0.54 -17.75
CA GLY A 178 12.67 -0.21 -17.31
C GLY A 178 12.99 -1.47 -16.53
N GLN A 179 14.21 -1.56 -15.99
CA GLN A 179 14.63 -2.73 -15.23
C GLN A 179 14.28 -2.71 -13.74
N PHE A 180 14.39 -1.53 -13.12
CA PHE A 180 14.11 -1.42 -11.69
C PHE A 180 12.99 -0.42 -11.41
N MET A 181 12.35 -0.57 -10.26
CA MET A 181 11.27 0.32 -9.86
C MET A 181 11.83 1.61 -9.27
N ARG A 182 11.17 2.74 -9.59
CA ARG A 182 11.57 4.01 -9.00
C ARG A 182 10.30 4.52 -8.36
N TYR A 183 10.35 4.73 -7.04
CA TYR A 183 9.21 5.20 -6.29
C TYR A 183 9.32 6.66 -5.92
N ASN A 184 8.24 7.41 -6.18
CA ASN A 184 8.20 8.81 -5.78
C ASN A 184 7.84 8.72 -4.31
N ARG A 185 8.19 9.75 -3.54
CA ARG A 185 7.92 9.79 -2.11
C ARG A 185 6.55 9.31 -1.64
N LYS A 186 5.49 10.00 -2.04
CA LYS A 186 4.16 9.62 -1.60
C LYS A 186 3.71 8.22 -2.00
N THR A 187 4.14 7.77 -3.17
CA THR A 187 3.78 6.43 -3.65
C THR A 187 4.51 5.38 -2.81
N GLY A 188 5.75 5.65 -2.44
CA GLY A 188 6.48 4.70 -1.61
C GLY A 188 5.84 4.53 -0.24
N TYR A 189 5.47 5.64 0.38
CA TYR A 189 4.84 5.56 1.69
C TYR A 189 3.47 4.89 1.55
N LYS A 190 2.80 5.12 0.43
CA LYS A 190 1.49 4.48 0.20
C LYS A 190 1.70 2.97 0.15
N LEU A 191 2.77 2.53 -0.51
CA LEU A 191 3.05 1.09 -0.63
C LEU A 191 3.22 0.43 0.73
N MET A 192 3.76 1.17 1.70
CA MET A 192 3.99 0.63 3.03
C MET A 192 2.87 0.92 4.02
N SER A 193 1.88 1.73 3.61
CA SER A 193 0.81 2.14 4.50
C SER A 193 -0.04 1.10 5.24
N SER A 194 -0.16 -0.11 4.70
CA SER A 194 -0.96 -1.11 5.41
C SER A 194 -0.15 -1.67 6.59
N MET A 195 1.17 -1.55 6.50
CA MET A 195 2.08 -2.03 7.55
C MET A 195 2.34 -0.92 8.56
N ALA A 196 2.70 0.26 8.07
CA ALA A 196 2.98 1.36 8.96
C ALA A 196 2.83 2.71 8.31
N ARG A 197 2.44 3.69 9.11
CA ARG A 197 2.31 5.06 8.63
C ARG A 197 3.40 5.82 9.34
N PHE A 198 3.78 6.96 8.79
CA PHE A 198 4.86 7.74 9.39
C PHE A 198 4.49 9.14 9.80
N ASN A 199 5.15 9.60 10.86
CA ASN A 199 4.99 10.96 11.34
C ASN A 199 5.44 11.76 10.12
N PRO A 200 4.69 12.80 9.74
CA PRO A 200 5.09 13.60 8.56
C PRO A 200 6.54 14.07 8.58
N ASP A 201 7.05 14.36 9.77
CA ASP A 201 8.43 14.83 9.90
C ASP A 201 9.43 13.72 9.58
N TYR A 202 8.94 12.50 9.51
CA TYR A 202 9.77 11.34 9.20
C TYR A 202 9.67 10.91 7.72
N MET A 203 8.77 11.54 6.97
CA MET A 203 8.57 11.19 5.56
C MET A 203 9.53 12.00 4.69
N LEU A 204 10.81 11.66 4.83
CA LEU A 204 11.89 12.35 4.15
C LEU A 204 12.50 11.69 2.92
N LEU A 205 12.02 10.51 2.55
CA LEU A 205 12.53 9.86 1.35
C LEU A 205 11.87 10.46 0.12
N ASP A 206 12.66 11.18 -0.67
CA ASP A 206 12.20 11.88 -1.87
C ASP A 206 11.91 10.92 -3.03
N TYR A 207 12.78 9.94 -3.21
CA TYR A 207 12.63 8.93 -4.25
C TYR A 207 13.50 7.74 -3.89
N LEU A 208 13.23 6.60 -4.51
CA LEU A 208 14.02 5.41 -4.25
C LEU A 208 13.95 4.46 -5.43
N VAL A 209 15.11 4.06 -5.93
CA VAL A 209 15.18 3.12 -7.04
C VAL A 209 15.56 1.79 -6.40
N LEU A 210 14.76 0.77 -6.67
CA LEU A 210 14.99 -0.54 -6.06
C LEU A 210 15.23 -1.69 -7.02
N ASN A 211 16.31 -2.41 -6.78
CA ASN A 211 16.64 -3.60 -7.55
C ASN A 211 16.23 -4.72 -6.60
N GLU A 212 15.02 -5.22 -6.77
CA GLU A 212 14.48 -6.25 -5.90
C GLU A 212 15.29 -7.53 -5.79
N ALA A 213 15.94 -7.91 -6.88
CA ALA A 213 16.74 -9.14 -6.92
C ALA A 213 17.81 -9.18 -5.85
N GLU A 214 18.34 -8.02 -5.49
CA GLU A 214 19.39 -7.94 -4.48
C GLU A 214 19.03 -7.05 -3.30
N ASN A 215 17.74 -6.74 -3.16
CA ASN A 215 17.28 -5.86 -2.08
C ASN A 215 18.24 -4.70 -2.02
N GLU A 216 18.54 -4.15 -3.20
CA GLU A 216 19.49 -3.05 -3.35
C GLU A 216 18.78 -1.76 -3.74
N ALA A 217 19.08 -0.69 -3.02
CA ALA A 217 18.43 0.59 -3.27
C ALA A 217 19.31 1.82 -3.20
N ALA A 218 18.94 2.81 -4.01
CA ALA A 218 19.61 4.10 -4.07
C ALA A 218 18.44 5.07 -3.85
N SER A 219 18.55 5.91 -2.83
CA SER A 219 17.47 6.83 -2.52
C SER A 219 17.95 8.24 -2.30
N GLY A 220 17.07 9.20 -2.58
CA GLY A 220 17.39 10.59 -2.35
C GLY A 220 16.59 10.94 -1.11
N VAL A 221 17.25 11.35 -0.04
CA VAL A 221 16.55 11.72 1.16
C VAL A 221 16.69 13.23 1.27
N ASP A 222 15.57 13.92 1.45
CA ASP A 222 15.59 15.37 1.51
C ASP A 222 15.04 15.83 2.85
N PHE A 223 15.93 16.26 3.74
CA PHE A 223 15.50 16.68 5.06
C PHE A 223 14.67 17.96 5.09
N SER A 224 14.60 18.68 3.97
CA SER A 224 13.80 19.89 3.91
C SER A 224 12.31 19.53 3.76
N LEU A 225 12.03 18.25 3.54
CA LEU A 225 10.66 17.78 3.38
C LEU A 225 9.88 17.66 4.67
N GLY A 226 10.56 17.80 5.80
CA GLY A 226 9.87 17.70 7.08
C GLY A 226 10.30 18.81 8.02
N SER A 227 9.62 18.93 9.15
CA SER A 227 9.99 19.94 10.14
C SER A 227 10.89 19.28 11.16
N SER A 228 11.93 19.99 11.59
CA SER A 228 12.86 19.43 12.56
C SER A 228 13.40 20.46 13.52
N GLU A 229 12.49 21.21 14.15
CA GLU A 229 12.88 22.24 15.10
C GLU A 229 13.33 21.63 16.41
N GLY A 230 14.37 22.21 17.00
CA GLY A 230 14.88 21.72 18.26
C GLY A 230 16.38 21.56 18.22
N THR A 231 16.94 21.02 19.29
CA THR A 231 18.39 20.81 19.35
C THR A 231 18.61 19.31 19.52
N PHE A 232 19.58 18.77 18.78
CA PHE A 232 19.89 17.34 18.81
C PHE A 232 21.36 17.10 18.47
N ALA A 233 21.80 15.86 18.61
CA ALA A 233 23.16 15.48 18.23
C ALA A 233 22.97 14.98 16.80
N ALA A 234 21.92 14.18 16.62
CA ALA A 234 21.54 13.62 15.33
C ALA A 234 20.01 13.54 15.35
N HIS A 235 19.35 14.40 14.58
CA HIS A 235 17.89 14.40 14.58
C HIS A 235 17.31 13.01 14.34
N PRO A 236 16.44 12.55 15.25
CA PRO A 236 15.82 11.23 15.12
C PRO A 236 15.12 10.98 13.78
N ALA A 237 14.50 12.00 13.22
CA ALA A 237 13.83 11.83 11.94
C ALA A 237 14.83 11.62 10.82
N HIS A 238 15.94 12.36 10.86
CA HIS A 238 16.97 12.25 9.82
C HIS A 238 17.60 10.87 9.84
N VAL A 239 17.95 10.41 11.03
CA VAL A 239 18.59 9.10 11.15
C VAL A 239 17.64 7.99 10.79
N ASP A 240 16.39 8.09 11.23
CA ASP A 240 15.43 7.05 10.91
C ASP A 240 15.23 6.99 9.39
N ALA A 241 15.22 8.14 8.73
CA ALA A 241 15.03 8.18 7.28
C ALA A 241 16.11 7.35 6.59
N ILE A 242 17.33 7.44 7.09
CA ILE A 242 18.42 6.66 6.52
C ILE A 242 18.10 5.17 6.61
N THR A 243 17.65 4.72 7.77
CA THR A 243 17.35 3.30 7.94
C THR A 243 16.10 2.89 7.15
N GLN A 244 15.23 3.86 6.87
CA GLN A 244 14.02 3.57 6.10
C GLN A 244 14.34 3.04 4.71
N VAL A 245 15.47 3.49 4.15
CA VAL A 245 15.84 3.04 2.82
C VAL A 245 16.01 1.53 2.82
N ALA A 246 16.63 1.00 3.86
CA ALA A 246 16.84 -0.44 3.98
C ALA A 246 15.52 -1.15 4.28
N GLY A 247 14.72 -0.55 5.15
CA GLY A 247 13.44 -1.15 5.50
C GLY A 247 12.53 -1.26 4.29
N PHE A 248 12.51 -0.21 3.46
CA PHE A 248 11.70 -0.23 2.25
C PHE A 248 12.23 -1.27 1.27
N ALA A 249 13.55 -1.30 1.10
CA ALA A 249 14.16 -2.26 0.17
C ALA A 249 13.67 -3.68 0.48
N MET A 250 13.57 -4.00 1.77
CA MET A 250 13.12 -5.34 2.16
C MET A 250 11.63 -5.57 1.98
N ASN A 251 10.82 -4.69 2.55
CA ASN A 251 9.36 -4.82 2.50
C ASN A 251 8.69 -4.51 1.17
N ALA A 252 9.39 -3.81 0.28
CA ALA A 252 8.84 -3.47 -1.02
C ALA A 252 9.05 -4.54 -2.08
N ASN A 253 9.75 -5.61 -1.72
CA ASN A 253 9.99 -6.71 -2.65
C ASN A 253 8.64 -7.33 -3.00
N ASP A 254 8.44 -7.63 -4.28
CA ASP A 254 7.19 -8.20 -4.76
C ASP A 254 6.84 -9.51 -4.04
N ASN A 255 7.87 -10.25 -3.64
CA ASN A 255 7.69 -11.53 -2.97
C ASN A 255 7.39 -11.46 -1.48
N VAL A 256 7.43 -10.25 -0.92
CA VAL A 256 7.13 -10.07 0.50
C VAL A 256 5.67 -9.63 0.64
N ASP A 257 4.85 -10.45 1.29
CA ASP A 257 3.44 -10.13 1.50
C ASP A 257 3.33 -9.47 2.87
N ILE A 258 3.30 -8.15 2.90
CA ILE A 258 3.25 -7.44 4.18
C ILE A 258 1.98 -7.64 4.99
N GLU A 259 1.04 -8.41 4.46
CA GLU A 259 -0.18 -8.68 5.20
C GLU A 259 0.11 -9.87 6.12
N LYS A 260 1.19 -10.61 5.79
CA LYS A 260 1.56 -11.79 6.57
C LYS A 260 2.92 -11.75 7.27
N GLN A 261 3.93 -11.21 6.59
CA GLN A 261 5.28 -11.15 7.16
C GLN A 261 5.92 -9.81 6.81
N VAL A 262 6.59 -9.20 7.77
CA VAL A 262 7.25 -7.92 7.53
C VAL A 262 8.62 -7.83 8.19
N TYR A 263 9.48 -6.99 7.63
CA TYR A 263 10.82 -6.80 8.17
C TYR A 263 10.80 -5.56 9.06
N VAL A 264 11.17 -5.75 10.32
CA VAL A 264 11.19 -4.67 11.29
C VAL A 264 12.60 -4.38 11.77
N ASN A 265 12.78 -3.18 12.33
CA ASN A 265 14.07 -2.78 12.85
C ASN A 265 14.45 -3.72 13.99
N HIS A 266 15.74 -3.97 14.13
CA HIS A 266 16.22 -4.87 15.16
C HIS A 266 17.34 -4.15 15.90
N GLY A 267 18.15 -3.44 15.13
CA GLY A 267 19.28 -2.71 15.69
C GLY A 267 20.36 -2.66 14.64
N TRP A 268 21.61 -2.51 15.06
CA TRP A 268 22.73 -2.43 14.12
C TRP A 268 24.05 -2.61 14.85
N ASP A 269 25.09 -2.95 14.11
CA ASP A 269 26.40 -3.16 14.71
C ASP A 269 27.18 -1.87 14.91
N SER A 270 27.06 -0.94 13.97
CA SER A 270 27.81 0.30 14.07
C SER A 270 27.12 1.42 13.30
N PHE A 271 27.19 2.63 13.84
CA PHE A 271 26.61 3.81 13.19
C PHE A 271 27.49 5.03 13.46
N GLN A 272 28.02 5.62 12.41
CA GLN A 272 28.88 6.79 12.55
C GLN A 272 28.42 7.92 11.62
N ILE A 273 28.50 9.14 12.12
CA ILE A 273 28.11 10.33 11.34
C ILE A 273 29.37 11.17 11.22
N TYR A 274 29.73 11.55 9.99
CA TYR A 274 30.94 12.32 9.75
C TYR A 274 30.71 13.77 9.39
N GLN A 275 29.49 14.08 8.99
CA GLN A 275 29.12 15.44 8.60
C GLN A 275 27.73 15.71 9.19
N PRO A 276 27.52 16.90 9.76
CA PRO A 276 26.20 17.19 10.34
C PRO A 276 25.05 16.91 9.37
N LEU A 277 23.92 16.44 9.89
CA LEU A 277 22.76 16.12 9.08
C LEU A 277 21.86 17.36 8.97
N ASP A 278 22.22 18.22 8.03
CA ASP A 278 21.57 19.50 7.73
C ASP A 278 20.10 19.40 7.30
N ASN A 279 19.20 20.06 8.03
CA ASN A 279 17.77 19.98 7.67
C ASN A 279 17.35 20.78 6.43
N SER A 280 18.32 21.38 5.73
CA SER A 280 18.01 22.12 4.52
C SER A 280 18.57 21.37 3.31
N LYS A 281 19.28 20.28 3.56
CA LYS A 281 19.91 19.51 2.49
C LYS A 281 19.30 18.15 2.14
N SER A 282 19.66 17.68 0.96
CA SER A 282 19.24 16.38 0.45
C SER A 282 20.52 15.56 0.41
N TYR A 283 20.38 14.25 0.55
CA TYR A 283 21.54 13.34 0.55
C TYR A 283 21.22 12.09 -0.26
N GLN A 284 22.27 11.34 -0.62
CA GLN A 284 22.07 10.11 -1.37
C GLN A 284 22.35 8.94 -0.43
N VAL A 285 21.46 7.97 -0.41
CA VAL A 285 21.60 6.81 0.47
C VAL A 285 21.62 5.55 -0.37
N TYR A 286 22.58 4.66 -0.08
CA TYR A 286 22.70 3.43 -0.83
C TYR A 286 22.87 2.23 0.10
N THR A 287 22.21 1.14 -0.23
CA THR A 287 22.31 -0.09 0.56
C THR A 287 22.01 -1.32 -0.30
N LYS A 288 22.70 -2.41 0.01
CA LYS A 288 22.49 -3.68 -0.68
C LYS A 288 22.32 -4.68 0.47
N MET A 289 21.08 -4.92 0.86
CA MET A 289 20.78 -5.81 1.97
C MET A 289 20.99 -7.30 1.72
N GLY A 290 20.61 -7.78 0.53
CA GLY A 290 20.79 -9.20 0.26
C GLY A 290 19.70 -10.11 0.76
N GLN A 291 19.93 -11.41 0.54
CA GLN A 291 18.98 -12.46 0.91
C GLN A 291 18.85 -12.83 2.39
N ALA A 292 19.97 -13.28 2.96
CA ALA A 292 20.05 -13.71 4.36
C ALA A 292 19.24 -14.98 4.58
N ASN A 295 17.91 -17.56 8.06
CA ASN A 295 17.30 -17.61 9.38
C ASN A 295 16.21 -16.55 9.55
N ASP A 296 16.21 -15.86 10.69
CA ASP A 296 15.20 -14.85 10.98
C ASP A 296 15.64 -13.40 10.74
N LEU A 297 16.95 -13.20 10.55
CA LEU A 297 17.50 -11.86 10.35
C LEU A 297 18.20 -11.61 9.02
N VAL A 298 18.22 -10.34 8.61
CA VAL A 298 18.90 -9.91 7.40
C VAL A 298 19.75 -8.72 7.83
N HIS A 299 20.92 -8.56 7.22
CA HIS A 299 21.77 -7.45 7.60
C HIS A 299 22.50 -6.88 6.40
N GLY A 300 22.89 -5.61 6.51
CA GLY A 300 23.60 -4.96 5.42
C GLY A 300 24.09 -3.59 5.84
N ASP A 301 24.90 -2.98 4.99
CA ASP A 301 25.42 -1.66 5.30
C ASP A 301 24.63 -0.60 4.55
N VAL A 302 24.61 0.61 5.12
CA VAL A 302 23.90 1.72 4.50
C VAL A 302 24.84 2.92 4.51
N VAL A 303 25.12 3.48 3.34
CA VAL A 303 26.00 4.63 3.27
C VAL A 303 25.22 5.88 2.86
N VAL A 304 25.63 7.02 3.41
CA VAL A 304 24.99 8.29 3.11
C VAL A 304 26.04 9.21 2.51
N LEU A 305 25.73 9.79 1.36
CA LEU A 305 26.66 10.67 0.68
C LEU A 305 26.06 12.06 0.46
N ASP A 306 26.93 13.03 0.28
CA ASP A 306 26.52 14.40 -0.03
C ASP A 306 27.44 14.71 -1.21
N GLY A 307 27.00 14.30 -2.39
CA GLY A 307 27.81 14.50 -3.58
C GLY A 307 28.97 13.53 -3.49
N GLU A 308 30.19 14.05 -3.35
CA GLU A 308 31.39 13.21 -3.26
C GLU A 308 31.81 13.00 -1.81
N GLN A 309 31.08 13.60 -0.87
CA GLN A 309 31.41 13.52 0.55
C GLN A 309 30.71 12.39 1.30
N ILE A 310 31.45 11.68 2.15
CA ILE A 310 30.88 10.60 2.96
C ILE A 310 30.25 11.31 4.18
N VAL A 311 28.95 11.08 4.38
CA VAL A 311 28.22 11.73 5.46
C VAL A 311 27.97 10.86 6.69
N ALA A 312 27.59 9.62 6.46
CA ALA A 312 27.31 8.71 7.57
C ALA A 312 27.35 7.27 7.06
N PHE A 313 27.41 6.31 7.98
CA PHE A 313 27.47 4.91 7.58
C PHE A 313 26.97 3.99 8.67
N PHE A 314 26.05 3.10 8.30
CA PHE A 314 25.52 2.07 9.19
C PHE A 314 26.21 0.80 8.74
N ARG A 315 26.86 0.11 9.67
CA ARG A 315 27.50 -1.14 9.33
C ARG A 315 26.71 -2.21 10.07
N GLY A 316 26.22 -3.19 9.32
CA GLY A 316 25.46 -4.25 9.95
C GLY A 316 24.07 -3.86 10.44
N LEU A 317 23.37 -3.02 9.68
CA LEU A 317 22.02 -2.65 10.05
C LEU A 317 21.25 -3.96 9.97
N THR A 318 20.51 -4.30 11.01
CA THR A 318 19.78 -5.56 11.05
C THR A 318 18.27 -5.41 11.10
N LEU A 319 17.59 -6.19 10.26
CA LEU A 319 16.13 -6.20 10.20
C LEU A 319 15.68 -7.62 10.49
N ARG A 320 14.53 -7.76 11.15
CA ARG A 320 14.02 -9.09 11.51
C ARG A 320 12.68 -9.37 10.88
N SER A 321 12.52 -10.56 10.32
CA SER A 321 11.27 -10.96 9.70
C SER A 321 10.33 -11.45 10.79
N VAL A 322 9.16 -10.84 10.89
CA VAL A 322 8.19 -11.21 11.90
C VAL A 322 6.78 -11.30 11.30
N PRO A 323 5.92 -12.14 11.88
CA PRO A 323 4.56 -12.26 11.35
C PRO A 323 3.84 -10.93 11.55
N ARG A 324 3.10 -10.48 10.56
CA ARG A 324 2.37 -9.22 10.65
C ARG A 324 1.35 -9.25 11.79
N GLY A 325 0.67 -10.39 11.92
CA GLY A 325 -0.32 -10.55 12.98
C GLY A 325 0.28 -10.52 14.37
N ALA A 326 1.33 -11.31 14.57
CA ALA A 326 2.00 -11.36 15.87
C ALA A 326 2.44 -9.96 16.26
N LEU A 327 3.03 -9.23 15.30
CA LEU A 327 3.47 -7.87 15.55
C LEU A 327 2.33 -7.05 16.12
N ARG A 328 1.18 -7.13 15.46
CA ARG A 328 -0.01 -6.40 15.89
C ARG A 328 -0.43 -6.80 17.30
N VAL A 329 -0.55 -8.11 17.52
CA VAL A 329 -0.95 -8.63 18.82
C VAL A 329 -0.06 -8.13 19.95
N VAL A 330 1.25 -8.20 19.75
CA VAL A 330 2.20 -7.75 20.76
C VAL A 330 2.03 -6.26 21.06
N LEU A 331 1.97 -5.45 20.00
CA LEU A 331 1.81 -4.01 20.15
C LEU A 331 0.50 -3.65 20.86
N GLN A 332 -0.55 -4.40 20.58
CA GLN A 332 -1.84 -4.15 21.20
C GLN A 332 -1.86 -4.63 22.64
N THR A 333 -0.84 -5.41 23.01
CA THR A 333 -0.72 -5.93 24.36
C THR A 333 0.21 -5.05 25.19
N GLU B 2 -37.01 -21.21 -19.86
CA GLU B 2 -35.94 -22.03 -19.22
C GLU B 2 -35.32 -21.34 -18.01
N ILE B 3 -34.63 -20.23 -18.27
CA ILE B 3 -33.93 -19.45 -17.25
C ILE B 3 -33.05 -20.35 -16.39
N LYS B 4 -32.10 -21.00 -17.06
CA LYS B 4 -31.16 -21.90 -16.40
C LYS B 4 -30.64 -21.30 -15.10
N THR B 5 -30.69 -22.07 -14.02
CA THR B 5 -30.18 -21.59 -12.74
C THR B 5 -28.66 -21.73 -12.82
N THR B 6 -27.95 -20.85 -12.14
CA THR B 6 -26.50 -20.87 -12.19
C THR B 6 -25.92 -20.57 -10.82
N THR B 7 -24.61 -20.40 -10.76
CA THR B 7 -23.93 -20.10 -9.50
C THR B 7 -24.43 -18.78 -8.90
N THR B 8 -24.82 -17.85 -9.77
CA THR B 8 -25.30 -16.55 -9.32
C THR B 8 -26.80 -16.29 -9.46
N LEU B 9 -27.54 -17.30 -9.95
CA LEU B 9 -29.00 -17.20 -10.11
C LEU B 9 -29.54 -18.54 -9.61
N HIS B 10 -30.13 -18.53 -8.42
CA HIS B 10 -30.62 -19.77 -7.80
C HIS B 10 -32.03 -20.23 -8.11
N ARG B 11 -32.99 -19.31 -8.12
CA ARG B 11 -34.36 -19.73 -8.40
C ARG B 11 -35.27 -18.60 -8.88
N VAL B 12 -36.36 -18.99 -9.55
CA VAL B 12 -37.34 -18.05 -10.05
C VAL B 12 -38.38 -17.85 -8.96
N VAL B 13 -38.54 -16.60 -8.53
CA VAL B 13 -39.51 -16.28 -7.50
C VAL B 13 -40.86 -15.96 -8.13
N GLU B 14 -40.82 -15.29 -9.28
CA GLU B 14 -42.04 -14.92 -9.98
C GLU B 14 -41.78 -14.64 -11.46
N GLU B 15 -42.74 -14.99 -12.29
CA GLU B 15 -42.63 -14.76 -13.73
C GLU B 15 -44.03 -14.64 -14.32
N THR B 16 -44.46 -13.41 -14.56
CA THR B 16 -45.78 -13.17 -15.11
C THR B 16 -45.75 -12.39 -16.41
N THR B 17 -46.20 -13.01 -17.49
CA THR B 17 -46.25 -12.37 -18.79
C THR B 17 -47.67 -11.88 -18.98
N LYS B 18 -47.82 -10.71 -19.60
CA LYS B 18 -49.15 -10.14 -19.81
C LYS B 18 -49.24 -9.42 -21.16
N PRO B 19 -50.36 -8.74 -21.44
CA PRO B 19 -50.53 -8.03 -22.71
C PRO B 19 -49.57 -6.85 -22.93
N LEU B 20 -49.43 -5.99 -21.93
CA LEU B 20 -48.56 -4.82 -22.05
C LEU B 20 -47.20 -4.95 -21.36
N GLY B 21 -46.65 -6.16 -21.33
CA GLY B 21 -45.35 -6.35 -20.70
C GLY B 21 -45.16 -7.66 -19.98
N ALA B 22 -44.20 -7.68 -19.05
CA ALA B 22 -43.90 -8.88 -18.28
C ALA B 22 -42.99 -8.56 -17.10
N THR B 23 -42.92 -9.49 -16.16
CA THR B 23 -42.08 -9.33 -14.99
C THR B 23 -41.39 -10.65 -14.67
N LEU B 24 -40.12 -10.56 -14.30
CA LEU B 24 -39.35 -11.74 -13.95
C LEU B 24 -38.57 -11.44 -12.69
N VAL B 25 -38.83 -12.22 -11.64
CA VAL B 25 -38.14 -12.03 -10.37
C VAL B 25 -37.38 -13.30 -10.04
N VAL B 26 -36.06 -13.18 -9.87
CA VAL B 26 -35.22 -14.32 -9.54
C VAL B 26 -34.57 -14.09 -8.19
N GLU B 27 -34.03 -15.16 -7.61
CA GLU B 27 -33.42 -15.08 -6.30
C GLU B 27 -32.05 -15.73 -6.21
N THR B 28 -31.18 -15.16 -5.39
CA THR B 28 -29.84 -15.69 -5.20
C THR B 28 -29.45 -15.59 -3.73
N ASP B 29 -29.22 -16.75 -3.11
CA ASP B 29 -28.82 -16.77 -1.70
C ASP B 29 -27.30 -16.63 -1.72
N ILE B 30 -26.82 -15.42 -1.47
CA ILE B 30 -25.38 -15.18 -1.50
C ILE B 30 -24.58 -15.84 -0.36
N SER B 31 -25.28 -16.60 0.47
CA SER B 31 -24.62 -17.30 1.57
C SER B 31 -24.26 -18.74 1.14
N ARG B 32 -24.89 -19.22 0.07
CA ARG B 32 -24.62 -20.58 -0.40
C ARG B 32 -23.14 -20.75 -0.66
N LYS B 33 -22.57 -21.86 -0.15
CA LYS B 33 -21.14 -22.13 -0.27
C LYS B 33 -20.52 -22.05 -1.65
N ASP B 34 -21.30 -22.29 -2.70
CA ASP B 34 -20.75 -22.23 -4.04
C ASP B 34 -20.63 -20.80 -4.56
N VAL B 35 -21.33 -19.86 -3.92
CA VAL B 35 -21.28 -18.47 -4.37
C VAL B 35 -20.89 -17.45 -3.29
N ASN B 36 -20.91 -17.87 -2.02
CA ASN B 36 -20.59 -16.97 -0.92
C ASN B 36 -19.21 -16.31 -1.06
N GLY B 37 -18.19 -17.13 -1.30
CA GLY B 37 -16.85 -16.58 -1.44
C GLY B 37 -16.78 -15.58 -2.57
N LEU B 38 -17.48 -15.89 -3.66
CA LEU B 38 -17.52 -15.04 -4.84
C LEU B 38 -18.21 -13.71 -4.61
N ALA B 39 -19.25 -13.72 -3.77
CA ALA B 39 -19.99 -12.51 -3.46
C ALA B 39 -19.16 -11.53 -2.62
N ARG B 40 -18.07 -12.05 -2.06
CA ARG B 40 -17.19 -11.23 -1.23
C ARG B 40 -15.97 -10.85 -2.06
N GLY B 41 -16.17 -9.95 -3.02
CA GLY B 41 -15.10 -9.54 -3.90
C GLY B 41 -14.04 -8.63 -3.32
N HIS B 42 -14.48 -7.58 -2.61
CA HIS B 42 -13.57 -6.62 -2.00
C HIS B 42 -13.73 -6.64 -0.49
N LEU B 43 -12.70 -6.18 0.21
CA LEU B 43 -12.73 -6.12 1.66
C LEU B 43 -12.25 -4.72 2.04
N VAL B 44 -13.10 -3.93 2.68
CA VAL B 44 -12.75 -2.58 3.09
C VAL B 44 -12.92 -2.46 4.60
N ASP B 45 -11.82 -2.18 5.29
CA ASP B 45 -11.83 -2.07 6.74
C ASP B 45 -12.42 -3.34 7.37
N GLY B 46 -12.01 -4.48 6.82
CA GLY B 46 -12.48 -5.76 7.34
C GLY B 46 -13.89 -6.15 6.95
N ILE B 47 -14.59 -5.28 6.23
CA ILE B 47 -15.97 -5.55 5.81
C ILE B 47 -16.04 -6.05 4.38
N PRO B 48 -16.60 -7.24 4.17
CA PRO B 48 -16.73 -7.82 2.82
C PRO B 48 -17.76 -7.06 2.01
N LEU B 49 -17.51 -6.89 0.72
CA LEU B 49 -18.42 -6.16 -0.15
C LEU B 49 -18.68 -6.87 -1.46
N CYS B 50 -19.93 -6.81 -1.92
CA CYS B 50 -20.30 -7.42 -3.18
C CYS B 50 -19.99 -6.38 -4.25
N THR B 51 -19.37 -6.81 -5.34
CA THR B 51 -19.00 -5.88 -6.42
C THR B 51 -20.10 -5.69 -7.46
N PRO B 52 -20.09 -4.54 -8.16
CA PRO B 52 -21.08 -4.24 -9.20
C PRO B 52 -21.13 -5.35 -10.25
N SER B 53 -19.99 -5.98 -10.49
CA SER B 53 -19.93 -7.05 -11.48
C SER B 53 -20.82 -8.22 -11.09
N PHE B 54 -21.12 -8.35 -9.80
CA PHE B 54 -21.98 -9.44 -9.35
C PHE B 54 -23.37 -9.21 -9.92
N TYR B 55 -23.85 -7.98 -9.81
CA TYR B 55 -25.17 -7.64 -10.35
C TYR B 55 -25.15 -7.75 -11.87
N ALA B 56 -24.06 -7.29 -12.48
CA ALA B 56 -23.94 -7.34 -13.94
C ALA B 56 -24.07 -8.77 -14.49
N ASP B 57 -23.51 -9.74 -13.78
CA ASP B 57 -23.59 -11.12 -14.22
C ASP B 57 -25.06 -11.55 -14.25
N ILE B 58 -25.78 -11.30 -13.15
CA ILE B 58 -27.18 -11.66 -13.07
C ILE B 58 -28.00 -10.91 -14.14
N ALA B 59 -27.65 -9.65 -14.37
CA ALA B 59 -28.36 -8.83 -15.36
C ALA B 59 -28.22 -9.42 -16.76
N MET B 60 -27.02 -9.88 -17.09
CA MET B 60 -26.77 -10.49 -18.39
C MET B 60 -27.64 -11.73 -18.52
N GLN B 61 -27.75 -12.49 -17.42
CA GLN B 61 -28.54 -13.71 -17.42
C GLN B 61 -30.04 -13.49 -17.61
N VAL B 62 -30.64 -12.61 -16.83
CA VAL B 62 -32.07 -12.36 -16.98
C VAL B 62 -32.34 -11.63 -18.28
N GLY B 63 -31.34 -10.89 -18.74
CA GLY B 63 -31.47 -10.15 -19.99
C GLY B 63 -31.42 -11.07 -21.21
N GLN B 64 -30.39 -11.91 -21.29
CA GLN B 64 -30.25 -12.84 -22.39
C GLN B 64 -31.47 -13.74 -22.47
N TYR B 65 -31.97 -14.16 -21.31
CA TYR B 65 -33.15 -15.02 -21.24
C TYR B 65 -34.38 -14.32 -21.82
N SER B 66 -34.65 -13.12 -21.33
CA SER B 66 -35.79 -12.35 -21.80
C SER B 66 -35.71 -12.10 -23.31
N MET B 67 -34.53 -11.73 -23.78
CA MET B 67 -34.32 -11.44 -25.20
C MET B 67 -34.60 -12.64 -26.10
N GLN B 68 -33.90 -13.74 -25.85
CA GLN B 68 -34.07 -14.96 -26.64
C GLN B 68 -35.48 -15.55 -26.52
N ARG B 69 -36.20 -15.12 -25.49
CA ARG B 69 -37.54 -15.62 -25.23
C ARG B 69 -38.65 -14.93 -26.01
N LEU B 70 -38.52 -13.62 -26.19
CA LEU B 70 -39.54 -12.85 -26.92
C LEU B 70 -39.33 -12.85 -28.44
N ARG B 71 -38.41 -13.68 -28.92
CA ARG B 71 -38.14 -13.73 -30.34
C ARG B 71 -38.17 -15.15 -30.91
N ALA B 72 -38.34 -15.25 -32.22
CA ALA B 72 -38.39 -16.54 -32.89
C ALA B 72 -37.06 -16.84 -33.59
N GLY B 73 -35.98 -16.25 -33.08
CA GLY B 73 -34.67 -16.47 -33.67
C GLY B 73 -34.25 -17.92 -33.60
N GLY B 82 -27.81 -12.28 -30.05
CA GLY B 82 -28.15 -10.92 -29.68
C GLY B 82 -27.26 -10.38 -28.58
N LEU B 83 -26.72 -9.18 -28.78
CA LEU B 83 -25.85 -8.55 -27.80
C LEU B 83 -26.65 -7.90 -26.67
N VAL B 84 -26.30 -8.26 -25.44
CA VAL B 84 -26.96 -7.70 -24.27
C VAL B 84 -26.02 -6.68 -23.65
N ASP B 85 -26.50 -5.45 -23.50
CA ASP B 85 -25.70 -4.38 -22.90
C ASP B 85 -26.23 -4.14 -21.50
N VAL B 86 -25.38 -4.25 -20.49
CA VAL B 86 -25.78 -3.96 -19.11
C VAL B 86 -25.50 -2.46 -19.01
N SER B 87 -26.53 -1.65 -19.28
CA SER B 87 -26.35 -0.20 -19.29
C SER B 87 -26.95 0.51 -18.09
N ASP B 88 -26.60 1.79 -17.96
CA ASP B 88 -27.10 2.63 -16.87
C ASP B 88 -27.03 1.94 -15.51
N MET B 89 -25.88 1.34 -15.21
CA MET B 89 -25.67 0.64 -13.95
C MET B 89 -25.45 1.69 -12.86
N VAL B 90 -26.31 1.64 -11.85
CA VAL B 90 -26.23 2.56 -10.73
C VAL B 90 -26.18 1.76 -9.43
N VAL B 91 -25.12 1.95 -8.64
CA VAL B 91 -24.99 1.26 -7.36
C VAL B 91 -25.31 2.28 -6.28
N ASP B 92 -26.41 2.05 -5.56
CA ASP B 92 -26.87 2.96 -4.51
C ASP B 92 -26.40 2.65 -3.10
N LYS B 93 -26.51 1.38 -2.69
CA LYS B 93 -26.09 1.00 -1.35
C LYS B 93 -25.24 -0.26 -1.32
N ALA B 94 -24.21 -0.24 -0.50
CA ALA B 94 -23.31 -1.37 -0.36
C ALA B 94 -24.05 -2.62 0.07
N LEU B 95 -23.61 -3.76 -0.42
CA LEU B 95 -24.20 -5.05 -0.06
C LEU B 95 -23.10 -5.83 0.65
N VAL B 96 -23.31 -6.11 1.93
CA VAL B 96 -22.33 -6.84 2.73
C VAL B 96 -22.76 -8.27 3.02
N PRO B 97 -22.12 -9.25 2.38
CA PRO B 97 -22.44 -10.67 2.59
C PRO B 97 -22.03 -11.08 3.99
N HIS B 98 -22.98 -11.08 4.93
CA HIS B 98 -22.69 -11.44 6.31
C HIS B 98 -22.34 -12.91 6.54
N GLY B 99 -22.88 -13.79 5.74
CA GLY B 99 -22.59 -15.20 5.90
C GLY B 99 -23.26 -15.82 7.12
N LYS B 100 -24.17 -15.06 7.73
CA LYS B 100 -24.90 -15.54 8.91
C LYS B 100 -26.26 -16.05 8.47
N GLY B 101 -26.28 -17.24 7.88
CA GLY B 101 -27.53 -17.79 7.41
C GLY B 101 -27.85 -17.25 6.02
N PRO B 102 -29.04 -17.54 5.49
CA PRO B 102 -29.44 -17.06 4.16
C PRO B 102 -29.54 -15.55 4.01
N GLN B 103 -29.09 -15.05 2.87
CA GLN B 103 -29.14 -13.62 2.56
C GLN B 103 -29.61 -13.59 1.11
N LEU B 104 -30.91 -13.37 0.94
CA LEU B 104 -31.54 -13.36 -0.37
C LEU B 104 -31.47 -12.07 -1.18
N LEU B 105 -30.77 -12.14 -2.30
CA LEU B 105 -30.65 -11.01 -3.21
C LEU B 105 -31.67 -11.28 -4.31
N ARG B 106 -32.66 -10.41 -4.43
CA ARG B 106 -33.69 -10.57 -5.44
C ARG B 106 -33.46 -9.60 -6.60
N THR B 107 -33.51 -10.15 -7.81
CA THR B 107 -33.32 -9.36 -9.02
C THR B 107 -34.67 -9.31 -9.71
N THR B 108 -35.16 -8.09 -9.98
CA THR B 108 -36.45 -7.91 -10.62
C THR B 108 -36.31 -7.26 -11.99
N LEU B 109 -36.74 -7.97 -13.03
CA LEU B 109 -36.67 -7.44 -14.38
C LEU B 109 -38.09 -7.16 -14.87
N THR B 110 -38.28 -6.00 -15.49
CA THR B 110 -39.59 -5.61 -15.98
C THR B 110 -39.51 -5.08 -17.39
N MET B 111 -40.49 -5.42 -18.21
CA MET B 111 -40.55 -4.97 -19.59
C MET B 111 -41.93 -4.43 -19.91
N GLU B 112 -42.02 -3.67 -21.00
CA GLU B 112 -43.28 -3.09 -21.45
C GLU B 112 -43.26 -3.01 -22.98
N TRP B 113 -44.43 -3.11 -23.59
CA TRP B 113 -44.52 -3.06 -25.04
C TRP B 113 -45.95 -2.92 -25.55
N PRO B 114 -46.11 -2.37 -26.77
CA PRO B 114 -47.43 -2.18 -27.38
C PRO B 114 -48.14 -3.52 -27.56
N PRO B 115 -49.48 -3.53 -27.44
CA PRO B 115 -50.31 -4.72 -27.59
C PRO B 115 -50.01 -5.54 -28.84
N LYS B 116 -49.45 -4.88 -29.85
CA LYS B 116 -49.13 -5.53 -31.11
C LYS B 116 -48.14 -6.69 -31.02
N ALA B 117 -46.89 -6.38 -30.69
CA ALA B 117 -45.86 -7.42 -30.57
C ALA B 117 -44.78 -7.04 -29.57
N ALA B 118 -44.29 -8.05 -28.85
CA ALA B 118 -43.26 -7.87 -27.84
C ALA B 118 -41.87 -8.18 -28.39
N ALA B 119 -41.82 -8.83 -29.55
CA ALA B 119 -40.55 -9.20 -30.15
C ALA B 119 -39.68 -7.99 -30.50
N THR B 120 -40.25 -6.80 -30.42
CA THR B 120 -39.50 -5.58 -30.75
C THR B 120 -38.93 -4.88 -29.52
N THR B 121 -39.22 -5.42 -28.34
CA THR B 121 -38.71 -4.84 -27.09
C THR B 121 -37.19 -4.88 -27.13
N ARG B 122 -36.54 -3.74 -26.86
CA ARG B 122 -35.08 -3.71 -26.90
C ARG B 122 -34.40 -3.32 -25.59
N SER B 123 -35.17 -3.21 -24.51
CA SER B 123 -34.61 -2.88 -23.20
C SER B 123 -35.54 -3.38 -22.10
N ALA B 124 -34.98 -3.47 -20.89
CA ALA B 124 -35.73 -3.92 -19.73
C ALA B 124 -35.09 -3.32 -18.50
N LYS B 125 -35.92 -2.98 -17.52
CA LYS B 125 -35.44 -2.40 -16.27
C LYS B 125 -35.11 -3.53 -15.29
N VAL B 126 -34.00 -3.38 -14.58
CA VAL B 126 -33.58 -4.39 -13.60
C VAL B 126 -33.22 -3.74 -12.27
N LYS B 127 -33.69 -4.32 -11.18
CA LYS B 127 -33.37 -3.79 -9.86
C LYS B 127 -32.84 -4.90 -8.96
N PHE B 128 -31.90 -4.55 -8.09
CA PHE B 128 -31.30 -5.52 -7.18
C PHE B 128 -31.51 -5.09 -5.73
N ALA B 129 -32.12 -5.95 -4.94
CA ALA B 129 -32.37 -5.64 -3.54
C ALA B 129 -32.39 -6.91 -2.71
N THR B 130 -31.97 -6.81 -1.45
CA THR B 130 -31.95 -7.97 -0.57
C THR B 130 -33.23 -8.03 0.27
N TYR B 131 -33.71 -9.24 0.52
CA TYR B 131 -34.92 -9.46 1.30
C TYR B 131 -34.65 -10.50 2.38
N PHE B 132 -35.37 -10.40 3.50
CA PHE B 132 -35.20 -11.36 4.59
C PHE B 132 -36.03 -12.60 4.29
N ALA B 133 -35.86 -13.64 5.09
CA ALA B 133 -36.63 -14.86 4.91
C ALA B 133 -38.03 -14.62 5.46
N ASP B 134 -39.00 -14.51 4.58
CA ASP B 134 -40.38 -14.25 4.99
C ASP B 134 -40.48 -12.90 5.68
N LEU B 137 -38.38 -6.53 2.51
CA LEU B 137 -37.28 -5.76 1.93
C LEU B 137 -36.19 -5.49 2.97
N ASP B 138 -34.92 -5.67 2.58
CA ASP B 138 -33.78 -5.39 3.48
C ASP B 138 -33.15 -4.07 3.05
N THR B 139 -32.77 -4.01 1.78
CA THR B 139 -32.13 -2.83 1.21
C THR B 139 -32.10 -2.94 -0.32
N GLU B 140 -32.30 -1.81 -0.99
CA GLU B 140 -32.26 -1.76 -2.44
C GLU B 140 -30.83 -1.33 -2.75
N HIS B 141 -30.09 -2.20 -3.42
CA HIS B 141 -28.69 -1.93 -3.71
C HIS B 141 -28.31 -1.30 -5.05
N ALA B 142 -28.91 -1.78 -6.13
CA ALA B 142 -28.55 -1.25 -7.44
C ALA B 142 -29.64 -1.41 -8.48
N SER B 143 -29.39 -0.84 -9.65
CA SER B 143 -30.32 -0.91 -10.76
C SER B 143 -29.57 -0.71 -12.07
N CYS B 144 -30.15 -1.21 -13.15
CA CYS B 144 -29.56 -1.04 -14.46
C CYS B 144 -30.61 -1.33 -15.52
N THR B 145 -30.29 -0.97 -16.75
CA THR B 145 -31.20 -1.20 -17.86
C THR B 145 -30.47 -2.11 -18.83
N VAL B 146 -31.00 -3.31 -19.03
CA VAL B 146 -30.38 -4.21 -19.98
C VAL B 146 -30.95 -3.86 -21.34
N ARG B 147 -30.07 -3.79 -22.34
CA ARG B 147 -30.47 -3.43 -23.70
C ARG B 147 -30.03 -4.47 -24.71
N PHE B 148 -30.92 -4.77 -25.65
CA PHE B 148 -30.62 -5.71 -26.72
C PHE B 148 -30.21 -4.77 -27.84
N THR B 149 -28.90 -4.49 -27.84
CA THR B 149 -28.27 -3.54 -28.74
C THR B 149 -27.80 -4.03 -30.11
N SER B 150 -27.37 -3.07 -30.93
CA SER B 150 -26.87 -3.34 -32.27
C SER B 150 -25.37 -3.58 -32.20
N ASP B 151 -24.76 -3.93 -33.34
CA ASP B 151 -23.32 -4.18 -33.36
C ASP B 151 -22.57 -2.98 -33.90
N ALA B 152 -23.23 -1.83 -33.95
CA ALA B 152 -22.61 -0.60 -34.43
C ALA B 152 -21.34 -0.30 -33.65
N GLN B 153 -21.43 -0.33 -32.32
CA GLN B 153 -20.28 -0.06 -31.49
C GLN B 153 -19.17 -1.09 -31.71
N LEU B 154 -19.56 -2.36 -31.77
CA LEU B 154 -18.57 -3.43 -31.99
C LEU B 154 -17.79 -3.16 -33.28
N LYS B 155 -18.50 -2.89 -34.36
CA LYS B 155 -17.83 -2.62 -35.64
C LYS B 155 -16.91 -1.41 -35.52
N SER B 156 -17.35 -0.40 -34.79
CA SER B 156 -16.53 0.81 -34.60
C SER B 156 -15.27 0.46 -33.82
N LEU B 157 -15.43 -0.32 -32.76
CA LEU B 157 -14.29 -0.72 -31.94
C LEU B 157 -13.28 -1.54 -32.73
N ARG B 158 -13.78 -2.39 -33.62
CA ARG B 158 -12.90 -3.20 -34.44
C ARG B 158 -12.03 -2.32 -35.35
N ARG B 159 -12.60 -1.21 -35.83
CA ARG B 159 -11.85 -0.32 -36.69
C ARG B 159 -10.78 0.47 -35.92
N SER B 160 -10.93 0.53 -34.60
CA SER B 160 -9.98 1.26 -33.76
C SER B 160 -8.98 0.36 -33.05
N VAL B 161 -8.99 -0.93 -33.35
CA VAL B 161 -8.06 -1.85 -32.71
C VAL B 161 -6.60 -1.42 -32.81
N SER B 162 -6.14 -1.10 -34.02
CA SER B 162 -4.75 -0.70 -34.20
C SER B 162 -4.44 0.55 -33.38
N GLU B 163 -5.44 1.41 -33.19
CA GLU B 163 -5.27 2.63 -32.41
C GLU B 163 -5.07 2.30 -30.92
N TYR B 164 -5.86 1.35 -30.42
CA TYR B 164 -5.74 0.95 -29.03
C TYR B 164 -4.39 0.26 -28.84
N LYS B 165 -4.01 -0.57 -29.82
CA LYS B 165 -2.73 -1.27 -29.76
C LYS B 165 -1.58 -0.28 -29.66
N THR B 166 -1.67 0.81 -30.40
CA THR B 166 -0.62 1.83 -30.39
C THR B 166 -0.54 2.51 -29.02
N HIS B 167 -1.69 2.81 -28.43
CA HIS B 167 -1.71 3.45 -27.12
C HIS B 167 -1.01 2.52 -26.12
N ILE B 168 -1.34 1.23 -26.19
CA ILE B 168 -0.76 0.23 -25.31
C ILE B 168 0.75 0.14 -25.54
N ARG B 169 1.14 0.06 -26.80
CA ARG B 169 2.56 -0.03 -27.15
C ARG B 169 3.33 1.17 -26.63
N GLN B 170 2.74 2.36 -26.76
CA GLN B 170 3.39 3.59 -26.30
C GLN B 170 3.59 3.62 -24.80
N LEU B 171 2.66 3.01 -24.07
CA LEU B 171 2.78 2.97 -22.62
C LEU B 171 3.96 2.08 -22.25
N HIS B 172 4.09 0.95 -22.93
CA HIS B 172 5.19 0.04 -22.67
C HIS B 172 6.53 0.66 -23.07
N ASP B 173 6.53 1.45 -24.14
CA ASP B 173 7.76 2.10 -24.59
C ASP B 173 8.16 3.17 -23.58
N GLY B 174 7.16 3.81 -22.97
CA GLY B 174 7.42 4.84 -21.99
C GLY B 174 8.08 4.22 -20.77
N HIS B 175 7.54 3.08 -20.34
CA HIS B 175 8.10 2.38 -19.19
C HIS B 175 9.54 1.98 -19.48
N ALA B 176 9.77 1.48 -20.70
CA ALA B 176 11.10 1.04 -21.11
C ALA B 176 12.13 2.18 -21.09
N LYS B 177 11.64 3.42 -20.97
CA LYS B 177 12.51 4.58 -20.92
C LYS B 177 12.50 5.22 -19.55
N GLY B 178 11.83 4.56 -18.60
CA GLY B 178 11.74 5.06 -17.24
C GLY B 178 10.73 6.17 -17.02
N GLN B 179 9.81 6.35 -17.96
CA GLN B 179 8.82 7.41 -17.86
C GLN B 179 7.53 7.06 -17.11
N PHE B 180 7.10 5.80 -17.19
CA PHE B 180 5.87 5.39 -16.51
C PHE B 180 6.12 4.23 -15.57
N MET B 181 5.26 4.11 -14.56
CA MET B 181 5.38 3.02 -13.58
C MET B 181 4.81 1.73 -14.13
N ARG B 182 5.46 0.61 -13.84
CA ARG B 182 4.95 -0.70 -14.23
C ARG B 182 4.85 -1.48 -12.93
N TYR B 183 3.64 -1.91 -12.60
CA TYR B 183 3.41 -2.65 -11.37
C TYR B 183 3.21 -4.14 -11.59
N ASN B 184 3.93 -4.95 -10.83
CA ASN B 184 3.75 -6.39 -10.90
C ASN B 184 2.50 -6.61 -10.05
N ARG B 185 1.79 -7.70 -10.32
CA ARG B 185 0.56 -8.05 -9.60
C ARG B 185 0.54 -7.83 -8.09
N LYS B 186 1.40 -8.54 -7.36
CA LYS B 186 1.40 -8.41 -5.91
C LYS B 186 1.78 -7.04 -5.38
N THR B 187 2.65 -6.34 -6.09
CA THR B 187 3.06 -5.00 -5.67
C THR B 187 1.90 -4.02 -5.88
N GLY B 188 1.14 -4.22 -6.96
CA GLY B 188 0.01 -3.34 -7.21
C GLY B 188 -1.06 -3.51 -6.14
N TYR B 189 -1.37 -4.75 -5.77
CA TYR B 189 -2.37 -4.98 -4.74
C TYR B 189 -1.82 -4.48 -3.40
N LYS B 190 -0.51 -4.57 -3.20
CA LYS B 190 0.08 -4.08 -1.97
C LYS B 190 -0.14 -2.57 -1.88
N LEU B 191 0.06 -1.87 -3.01
CA LEU B 191 -0.11 -0.42 -3.04
C LEU B 191 -1.52 0.01 -2.62
N MET B 192 -2.52 -0.82 -2.93
CA MET B 192 -3.91 -0.51 -2.60
C MET B 192 -4.39 -1.11 -1.27
N SER B 193 -3.58 -1.96 -0.66
CA SER B 193 -3.96 -2.67 0.57
C SER B 193 -4.46 -1.89 1.78
N SER B 194 -4.08 -0.62 1.91
CA SER B 194 -4.56 0.16 3.05
C SER B 194 -6.01 0.59 2.76
N MET B 195 -6.36 0.65 1.48
CA MET B 195 -7.71 1.05 1.09
C MET B 195 -8.62 -0.18 0.97
N ALA B 196 -8.17 -1.19 0.25
CA ALA B 196 -8.97 -2.39 0.09
C ALA B 196 -8.14 -3.62 -0.19
N ARG B 197 -8.65 -4.76 0.28
CA ARG B 197 -7.99 -6.03 0.05
C ARG B 197 -8.93 -6.78 -0.87
N PHE B 198 -8.41 -7.76 -1.59
CA PHE B 198 -9.24 -8.49 -2.54
C PHE B 198 -9.32 -9.99 -2.32
N ASN B 199 -10.48 -10.53 -2.69
CA ASN B 199 -10.71 -11.96 -2.63
C ASN B 199 -9.63 -12.46 -3.59
N PRO B 200 -8.88 -13.51 -3.21
CA PRO B 200 -7.83 -14.03 -4.10
C PRO B 200 -8.30 -14.31 -5.53
N ASP B 201 -9.55 -14.75 -5.67
CA ASP B 201 -10.10 -15.05 -6.99
C ASP B 201 -10.29 -13.78 -7.81
N TYR B 202 -10.19 -12.63 -7.15
CA TYR B 202 -10.34 -11.35 -7.83
C TYR B 202 -9.00 -10.69 -8.14
N MET B 203 -7.91 -11.25 -7.65
CA MET B 203 -6.58 -10.68 -7.89
C MET B 203 -6.04 -11.20 -9.22
N LEU B 204 -6.66 -10.73 -10.29
CA LEU B 204 -6.32 -11.16 -11.65
C LEU B 204 -5.47 -10.22 -12.49
N LEU B 205 -5.10 -9.06 -11.96
CA LEU B 205 -4.25 -8.14 -12.73
C LEU B 205 -2.79 -8.59 -12.64
N ASP B 206 -2.26 -9.06 -13.76
CA ASP B 206 -0.89 -9.58 -13.85
C ASP B 206 0.16 -8.47 -13.80
N TYR B 207 -0.10 -7.37 -14.51
CA TYR B 207 0.81 -6.21 -14.52
C TYR B 207 0.00 -5.02 -15.01
N LEU B 208 0.50 -3.82 -14.72
CA LEU B 208 -0.18 -2.61 -15.17
C LEU B 208 0.83 -1.49 -15.34
N VAL B 209 0.84 -0.87 -16.52
CA VAL B 209 1.73 0.26 -16.79
C VAL B 209 0.85 1.50 -16.68
N LEU B 210 1.26 2.44 -15.85
CA LEU B 210 0.47 3.64 -15.62
C LEU B 210 1.13 4.97 -15.96
N ASN B 211 0.42 5.77 -16.77
CA ASN B 211 0.87 7.11 -17.11
C ASN B 211 -0.02 7.98 -16.22
N GLU B 212 0.51 8.34 -15.06
CA GLU B 212 -0.25 9.12 -14.08
C GLU B 212 -0.80 10.45 -14.56
N ALA B 213 -0.07 11.13 -15.43
CA ALA B 213 -0.49 12.44 -15.94
C ALA B 213 -1.87 12.41 -16.59
N GLU B 214 -2.23 11.27 -17.17
CA GLU B 214 -3.53 11.14 -17.83
C GLU B 214 -4.38 10.00 -17.25
N ASN B 215 -4.00 9.52 -16.07
CA ASN B 215 -4.72 8.40 -15.44
C ASN B 215 -4.97 7.36 -16.51
N GLU B 216 -3.92 7.09 -17.29
CA GLU B 216 -3.98 6.17 -18.41
C GLU B 216 -3.20 4.90 -18.13
N ALA B 217 -3.84 3.75 -18.36
CA ALA B 217 -3.20 2.47 -18.06
C ALA B 217 -3.42 1.36 -19.08
N ALA B 218 -2.41 0.50 -19.18
CA ALA B 218 -2.44 -0.67 -20.06
C ALA B 218 -2.12 -1.81 -19.09
N SER B 219 -2.99 -2.79 -19.00
CA SER B 219 -2.80 -3.87 -18.06
C SER B 219 -3.02 -5.24 -18.70
N GLY B 220 -2.32 -6.24 -18.16
CA GLY B 220 -2.50 -7.58 -18.65
C GLY B 220 -3.29 -8.24 -17.54
N VAL B 221 -4.48 -8.75 -17.84
CA VAL B 221 -5.28 -9.43 -16.84
C VAL B 221 -5.26 -10.89 -17.24
N ASP B 222 -4.92 -11.73 -16.26
CA ASP B 222 -4.79 -13.16 -16.52
C ASP B 222 -5.78 -13.92 -15.65
N PHE B 223 -6.88 -14.39 -16.25
CA PHE B 223 -7.90 -15.08 -15.48
C PHE B 223 -7.46 -16.43 -14.91
N SER B 224 -6.34 -16.96 -15.38
CA SER B 224 -5.84 -18.23 -14.86
C SER B 224 -5.22 -18.03 -13.47
N LEU B 225 -5.08 -16.77 -13.07
CA LEU B 225 -4.47 -16.47 -11.77
C LEU B 225 -5.42 -16.68 -10.58
N GLY B 226 -6.69 -16.91 -10.86
CA GLY B 226 -7.64 -17.14 -9.79
C GLY B 226 -8.52 -18.33 -10.07
N SER B 227 -9.31 -18.74 -9.08
CA SER B 227 -10.23 -19.86 -9.27
C SER B 227 -11.57 -19.27 -9.68
N SER B 228 -12.24 -19.90 -10.63
CA SER B 228 -13.52 -19.39 -11.08
C SER B 228 -14.47 -20.51 -11.49
N GLU B 229 -14.66 -21.46 -10.58
CA GLU B 229 -15.55 -22.57 -10.86
C GLU B 229 -17.00 -22.21 -10.64
N GLY B 230 -17.87 -22.76 -11.48
CA GLY B 230 -19.28 -22.48 -11.38
C GLY B 230 -19.81 -22.12 -12.75
N THR B 231 -21.07 -21.70 -12.81
CA THR B 231 -21.69 -21.32 -14.08
C THR B 231 -22.11 -19.87 -13.98
N PHE B 232 -21.83 -19.10 -15.04
CA PHE B 232 -22.16 -17.67 -15.06
C PHE B 232 -22.39 -17.21 -16.49
N ALA B 233 -22.81 -15.96 -16.64
CA ALA B 233 -22.98 -15.36 -17.96
C ALA B 233 -21.65 -14.63 -18.15
N ALA B 234 -21.20 -13.95 -17.10
CA ALA B 234 -19.94 -13.23 -17.08
C ALA B 234 -19.43 -13.32 -15.65
N HIS B 235 -18.37 -14.11 -15.43
CA HIS B 235 -17.84 -14.29 -14.09
C HIS B 235 -17.60 -12.95 -13.40
N PRO B 236 -18.18 -12.76 -12.20
CA PRO B 236 -18.00 -11.52 -11.44
C PRO B 236 -16.55 -11.12 -11.20
N ALA B 237 -15.67 -12.10 -10.99
CA ALA B 237 -14.27 -11.77 -10.76
C ALA B 237 -13.61 -11.26 -12.05
N HIS B 238 -13.96 -11.87 -13.18
CA HIS B 238 -13.38 -11.45 -14.46
C HIS B 238 -13.80 -10.02 -14.80
N VAL B 239 -15.08 -9.73 -14.65
CA VAL B 239 -15.59 -8.41 -14.96
C VAL B 239 -15.05 -7.37 -13.98
N ASP B 240 -15.01 -7.71 -12.70
CA ASP B 240 -14.49 -6.75 -11.73
C ASP B 240 -13.01 -6.44 -12.04
N ALA B 241 -12.27 -7.47 -12.46
CA ALA B 241 -10.85 -7.28 -12.79
C ALA B 241 -10.69 -6.21 -13.86
N ILE B 242 -11.61 -6.20 -14.83
CA ILE B 242 -11.55 -5.22 -15.89
C ILE B 242 -11.70 -3.81 -15.30
N THR B 243 -12.68 -3.63 -14.41
CA THR B 243 -12.89 -2.31 -13.83
C THR B 243 -11.77 -1.93 -12.86
N GLN B 244 -11.09 -2.93 -12.32
CA GLN B 244 -9.98 -2.68 -11.41
C GLN B 244 -8.87 -1.89 -12.07
N VAL B 245 -8.70 -2.07 -13.38
CA VAL B 245 -7.66 -1.36 -14.11
C VAL B 245 -7.89 0.15 -13.99
N ALA B 246 -9.15 0.56 -14.11
CA ALA B 246 -9.51 1.97 -14.01
C ALA B 246 -9.42 2.44 -12.55
N GLY B 247 -9.88 1.61 -11.62
CA GLY B 247 -9.82 1.98 -10.22
C GLY B 247 -8.38 2.18 -9.77
N PHE B 248 -7.48 1.32 -10.23
CA PHE B 248 -6.08 1.43 -9.87
C PHE B 248 -5.48 2.68 -10.52
N ALA B 249 -5.83 2.92 -11.79
CA ALA B 249 -5.30 4.08 -12.49
C ALA B 249 -5.58 5.35 -11.67
N MET B 250 -6.76 5.44 -11.09
CA MET B 250 -7.12 6.61 -10.30
C MET B 250 -6.45 6.67 -8.94
N ASN B 251 -6.57 5.61 -8.16
CA ASN B 251 -6.02 5.57 -6.80
C ASN B 251 -4.51 5.43 -6.67
N ALA B 252 -3.86 4.99 -7.75
CA ALA B 252 -2.40 4.83 -7.72
C ALA B 252 -1.65 6.11 -8.06
N ASN B 253 -2.37 7.17 -8.41
CA ASN B 253 -1.73 8.45 -8.72
C ASN B 253 -0.99 8.95 -7.49
N ASP B 254 0.24 9.42 -7.69
CA ASP B 254 1.06 9.92 -6.59
C ASP B 254 0.35 11.02 -5.79
N ASN B 255 -0.46 11.81 -6.48
CA ASN B 255 -1.18 12.92 -5.85
C ASN B 255 -2.46 12.52 -5.11
N VAL B 256 -2.82 11.24 -5.17
CA VAL B 256 -4.01 10.77 -4.47
C VAL B 256 -3.59 10.14 -3.14
N ASP B 257 -4.00 10.75 -2.03
CA ASP B 257 -3.67 10.22 -0.70
C ASP B 257 -4.82 9.31 -0.26
N ILE B 258 -4.67 8.00 -0.44
CA ILE B 258 -5.74 7.09 -0.09
C ILE B 258 -6.06 7.01 1.40
N GLU B 259 -5.31 7.74 2.22
CA GLU B 259 -5.62 7.75 3.65
C GLU B 259 -6.73 8.78 3.88
N LYS B 260 -6.88 9.68 2.91
CA LYS B 260 -7.89 10.74 3.00
C LYS B 260 -8.99 10.69 1.95
N GLN B 261 -8.63 10.43 0.70
CA GLN B 261 -9.61 10.38 -0.38
C GLN B 261 -9.35 9.15 -1.25
N VAL B 262 -10.43 8.57 -1.76
CA VAL B 262 -10.31 7.39 -2.62
C VAL B 262 -11.39 7.40 -3.68
N TYR B 263 -11.09 6.79 -4.82
CA TYR B 263 -12.06 6.69 -5.91
C TYR B 263 -12.70 5.33 -5.83
N VAL B 264 -14.02 5.32 -5.69
CA VAL B 264 -14.78 4.09 -5.59
C VAL B 264 -15.72 3.88 -6.77
N ASN B 265 -16.13 2.63 -6.96
CA ASN B 265 -17.04 2.27 -8.05
C ASN B 265 -18.33 3.07 -7.85
N HIS B 266 -18.95 3.43 -8.97
CA HIS B 266 -20.18 4.20 -8.91
C HIS B 266 -21.17 3.54 -9.86
N GLY B 267 -20.66 3.04 -10.97
CA GLY B 267 -21.47 2.38 -11.97
C GLY B 267 -20.88 2.66 -13.35
N TRP B 268 -21.71 2.58 -14.38
CA TRP B 268 -21.24 2.84 -15.75
C TRP B 268 -22.41 3.06 -16.69
N ASP B 269 -22.13 3.65 -17.84
CA ASP B 269 -23.19 3.91 -18.80
C ASP B 269 -23.50 2.70 -19.68
N SER B 270 -22.47 1.96 -20.06
CA SER B 270 -22.66 0.81 -20.94
C SER B 270 -21.58 -0.24 -20.77
N PHE B 271 -21.97 -1.51 -20.87
CA PHE B 271 -21.03 -2.62 -20.76
C PHE B 271 -21.45 -3.74 -21.70
N GLN B 272 -20.58 -4.08 -22.65
CA GLN B 272 -20.87 -5.13 -23.61
C GLN B 272 -19.71 -6.11 -23.68
N ILE B 273 -20.04 -7.39 -23.83
CA ILE B 273 -19.03 -8.44 -23.93
C ILE B 273 -19.25 -9.09 -25.30
N TYR B 274 -18.17 -9.20 -26.09
CA TYR B 274 -18.27 -9.75 -27.44
C TYR B 274 -17.65 -11.14 -27.61
N GLN B 275 -16.84 -11.53 -26.64
CA GLN B 275 -16.16 -12.82 -26.68
C GLN B 275 -16.19 -13.37 -25.25
N PRO B 276 -16.35 -14.70 -25.10
CA PRO B 276 -16.38 -15.26 -23.74
C PRO B 276 -15.16 -14.88 -22.92
N LEU B 277 -15.35 -14.71 -21.62
CA LEU B 277 -14.25 -14.37 -20.71
C LEU B 277 -13.66 -15.65 -20.14
N ASP B 278 -12.84 -16.29 -20.96
CA ASP B 278 -12.18 -17.57 -20.69
C ASP B 278 -11.28 -17.59 -19.45
N ASN B 279 -11.57 -18.46 -18.49
CA ASN B 279 -10.74 -18.50 -17.29
C ASN B 279 -9.34 -19.07 -17.46
N SER B 280 -8.98 -19.43 -18.69
CA SER B 280 -7.64 -19.97 -18.96
C SER B 280 -6.81 -18.96 -19.74
N LYS B 281 -7.44 -17.86 -20.16
CA LYS B 281 -6.75 -16.84 -20.95
C LYS B 281 -6.38 -15.55 -20.24
N SER B 282 -5.47 -14.81 -20.87
CA SER B 282 -5.01 -13.51 -20.39
C SER B 282 -5.52 -12.54 -21.45
N TYR B 283 -5.79 -11.31 -21.04
CA TYR B 283 -6.30 -10.29 -21.95
C TYR B 283 -5.59 -8.96 -21.73
N GLN B 284 -5.72 -8.04 -22.68
CA GLN B 284 -5.10 -6.73 -22.55
C GLN B 284 -6.21 -5.72 -22.27
N VAL B 285 -6.03 -4.90 -21.25
CA VAL B 285 -7.02 -3.91 -20.88
C VAL B 285 -6.42 -2.51 -20.96
N TYR B 286 -7.15 -1.59 -21.59
CA TYR B 286 -6.66 -0.23 -21.72
C TYR B 286 -7.72 0.79 -21.35
N THR B 287 -7.30 1.84 -20.63
CA THR B 287 -8.20 2.92 -20.25
C THR B 287 -7.46 4.23 -20.05
N LYS B 288 -8.13 5.32 -20.40
CA LYS B 288 -7.59 6.67 -20.22
C LYS B 288 -8.71 7.41 -19.51
N MET B 289 -8.67 7.41 -18.19
CA MET B 289 -9.69 8.05 -17.39
C MET B 289 -9.60 9.58 -17.41
N GLY B 290 -8.39 10.09 -17.56
CA GLY B 290 -8.19 11.53 -17.59
C GLY B 290 -8.56 12.16 -16.26
N GLN B 291 -8.70 13.49 -16.26
CA GLN B 291 -9.04 14.23 -15.04
C GLN B 291 -10.48 14.02 -14.63
N ASN B 295 -17.12 18.09 -10.54
CA ASN B 295 -17.71 17.58 -9.31
C ASN B 295 -16.83 16.52 -8.64
N ASP B 296 -17.45 15.48 -8.12
CA ASP B 296 -16.75 14.39 -7.44
C ASP B 296 -16.70 13.12 -8.26
N LEU B 297 -17.05 13.21 -9.55
CA LEU B 297 -17.05 12.04 -10.42
C LEU B 297 -16.06 12.12 -11.57
N VAL B 298 -15.53 10.97 -11.96
CA VAL B 298 -14.60 10.87 -13.09
C VAL B 298 -15.14 9.74 -13.95
N HIS B 299 -14.97 9.84 -15.26
CA HIS B 299 -15.47 8.78 -16.11
C HIS B 299 -14.56 8.54 -17.30
N GLY B 300 -14.65 7.33 -17.87
CA GLY B 300 -13.83 7.01 -19.01
C GLY B 300 -14.22 5.65 -19.56
N ASP B 301 -13.62 5.28 -20.68
CA ASP B 301 -13.93 4.01 -21.30
C ASP B 301 -12.83 2.98 -21.01
N VAL B 302 -13.20 1.72 -21.01
CA VAL B 302 -12.24 0.64 -20.77
C VAL B 302 -12.45 -0.42 -21.85
N VAL B 303 -11.39 -0.72 -22.60
CA VAL B 303 -11.49 -1.72 -23.64
C VAL B 303 -10.67 -2.96 -23.28
N VAL B 304 -11.19 -4.11 -23.67
CA VAL B 304 -10.53 -5.39 -23.40
C VAL B 304 -10.24 -6.03 -24.74
N LEU B 305 -8.99 -6.44 -24.94
CA LEU B 305 -8.58 -7.06 -26.19
C LEU B 305 -7.98 -8.44 -25.95
N ASP B 306 -8.02 -9.26 -27.00
CA ASP B 306 -7.43 -10.60 -26.98
C ASP B 306 -6.63 -10.59 -28.27
N GLY B 307 -5.42 -10.02 -28.20
CA GLY B 307 -4.59 -9.92 -29.38
C GLY B 307 -5.19 -8.84 -30.27
N GLU B 308 -5.72 -9.24 -31.42
CA GLU B 308 -6.34 -8.29 -32.35
C GLU B 308 -7.86 -8.27 -32.21
N GLN B 309 -8.40 -9.14 -31.36
CA GLN B 309 -9.85 -9.24 -31.18
C GLN B 309 -10.42 -8.36 -30.07
N ILE B 310 -11.55 -7.71 -30.35
CA ILE B 310 -12.22 -6.88 -29.34
C ILE B 310 -13.01 -7.86 -28.46
N VAL B 311 -12.77 -7.82 -27.15
CA VAL B 311 -13.42 -8.74 -26.24
C VAL B 311 -14.58 -8.15 -25.44
N ALA B 312 -14.39 -6.94 -24.93
CA ALA B 312 -15.43 -6.30 -24.14
C ALA B 312 -15.16 -4.80 -24.08
N PHE B 313 -16.17 -4.04 -23.68
CA PHE B 313 -16.01 -2.59 -23.61
C PHE B 313 -16.95 -1.94 -22.60
N PHE B 314 -16.38 -1.11 -21.73
CA PHE B 314 -17.14 -0.34 -20.77
C PHE B 314 -17.14 1.06 -21.34
N ARG B 315 -18.32 1.65 -21.50
CA ARG B 315 -18.42 3.01 -21.97
C ARG B 315 -18.93 3.84 -20.81
N GLY B 316 -18.19 4.86 -20.44
CA GLY B 316 -18.61 5.69 -19.33
C GLY B 316 -18.51 5.04 -17.96
N LEU B 317 -17.43 4.30 -17.71
CA LEU B 317 -17.24 3.70 -16.39
C LEU B 317 -17.07 4.91 -15.48
N THR B 318 -17.81 4.95 -14.37
CA THR B 318 -17.74 6.08 -13.46
C THR B 318 -17.23 5.74 -12.06
N LEU B 319 -16.30 6.56 -11.57
CA LEU B 319 -15.75 6.39 -10.24
C LEU B 319 -16.02 7.68 -9.47
N ARG B 320 -16.24 7.57 -8.17
CA ARG B 320 -16.52 8.75 -7.35
C ARG B 320 -15.49 8.96 -6.27
N SER B 321 -15.08 10.20 -6.09
CA SER B 321 -14.11 10.54 -5.05
C SER B 321 -14.87 10.67 -3.73
N VAL B 322 -14.46 9.90 -2.73
CA VAL B 322 -15.10 9.94 -1.42
C VAL B 322 -14.06 9.96 -0.31
N PRO B 323 -14.41 10.59 0.83
CA PRO B 323 -13.44 10.63 1.94
C PRO B 323 -13.20 9.21 2.42
N ARG B 324 -11.95 8.88 2.71
CA ARG B 324 -11.60 7.54 3.18
C ARG B 324 -12.29 7.25 4.51
N GLY B 325 -12.25 8.23 5.41
CA GLY B 325 -12.86 8.07 6.73
C GLY B 325 -14.38 7.95 6.64
N ALA B 326 -14.99 8.81 5.83
CA ALA B 326 -16.44 8.77 5.65
C ALA B 326 -16.83 7.40 5.11
N LEU B 327 -15.99 6.87 4.22
CA LEU B 327 -16.24 5.56 3.65
C LEU B 327 -16.29 4.53 4.77
N ARG B 328 -15.28 4.56 5.63
CA ARG B 328 -15.20 3.63 6.75
C ARG B 328 -16.44 3.72 7.63
N VAL B 329 -16.77 4.93 8.06
CA VAL B 329 -17.95 5.16 8.90
C VAL B 329 -19.23 4.60 8.29
N VAL B 330 -19.41 4.81 6.99
CA VAL B 330 -20.61 4.32 6.30
C VAL B 330 -20.67 2.81 6.31
N LEU B 331 -19.56 2.16 5.93
CA LEU B 331 -19.51 0.71 5.88
C LEU B 331 -19.68 0.08 7.26
N GLN B 332 -19.09 0.69 8.29
CA GLN B 332 -19.20 0.18 9.65
C GLN B 332 -20.63 0.30 10.16
N THR B 333 -21.37 1.24 9.58
CA THR B 333 -22.77 1.46 9.96
C THR B 333 -23.67 0.45 9.27
#